data_8QQ6
#
_entry.id   8QQ6
#
_cell.length_a   70.537
_cell.length_b   82.605
_cell.length_c   126.367
_cell.angle_alpha   90
_cell.angle_beta   90
_cell.angle_gamma   90
#
_symmetry.space_group_name_H-M   'P 21 21 21'
#
loop_
_entity.id
_entity.type
_entity.pdbx_description
1 polymer 'Factor VII light chain'
2 polymer 'Coagulation factor VII'
3 polymer 'Tissue factor'
4 non-polymer 'CALCIUM ION'
5 non-polymer 'MAGNESIUM ION'
6 non-polymer alpha-D-glucopyranose
7 non-polymer alpha-L-fucopyranose
8 non-polymer 'CHLORIDE ION'
9 non-polymer 2-azanyl-~{N}-[[2-[2-[[3-methoxy-4-(1,3-oxazol-5-yl)phenyl]amino]-1,3-oxazol-5-yl]phenyl]methyl]-~{N}-methyl-ethanamide
10 water water
#
loop_
_entity_poly.entity_id
_entity_poly.type
_entity_poly.pdbx_seq_one_letter_code
_entity_poly.pdbx_strand_id
1 'polypeptide(L)'
;AFL(CGU)(CGU)LRPGSL(CGU)R(CGU)CK(CGU)(CGU)QCSF(CGU)(CGU)AR(CGU)IFKDA(CGU)RTKLFWI
SYSDGDQCASSPCQNGGSCKDQLQSYICFCLPAFEGRNCETHKDDQLICVNENGGCEQYCSDHTGTKRSCRCHEGYSLLA
DGVSCTPTVEYPCGKIPILEK
;
A
2 'polypeptide(L)'
;IVGGKVCPKGECPWQVLLLVNGAQLCGGTLINTIWVVSAAHCFDKIKNWRNLIAVLGEHDLSEHDGDEQSRRVAQVIIPS
TYVPGTTNHDIALLRLHQPVVLTDHVVPLCLPERTFSERTLAFVRFSLVSGWGQLLDRGATALELMVLNVPRLMTQDCLQ
QSRKVGDSPNITEYMFCAGYSDGSKDSCKGDSGGPHATHYRGTWYLTGIVSWGQGCATVGHFGVYTRVSQYIEWLQKLMR
SEPRPGVLLRAPFP
;
B
3 'polypeptide(L)'
;METPAWPRVPRPETAVARTLLLGWVFAQVAGASGTTNTVAAYNLTWKSTNFKTILEWEPKPVNQVYTVQISTKSGDWKSK
CFYTTDTECDLTDEIVKDVKQTYLARVFSYPAGNVESTGSAGEPLYENSPEFTPYLETNLGQPTIQSFEQVGTKVNVTVE
DERTLVRRNNTFLSLRDVFGKDLIYTLYYWKSSSSGKKTAKTNTNEFLIDVDKGENYCFSVQAVIPSRTVNRKSTDSPVE
CMG
;
C
#
# COMPACT_ATOMS: atom_id res chain seq x y z
N ALA A 1 -20.21 -58.47 15.09
CA ALA A 1 -21.07 -59.55 14.61
C ALA A 1 -20.43 -60.30 13.43
N PHE A 2 -20.07 -61.58 13.63
CA PHE A 2 -19.47 -62.40 12.57
C PHE A 2 -20.45 -62.66 11.42
N LEU A 3 -21.77 -62.68 11.70
CA LEU A 3 -22.78 -62.91 10.66
C LEU A 3 -22.85 -61.77 9.64
N LEU A 6 -20.28 -62.36 6.76
CA LEU A 6 -20.66 -63.32 5.73
C LEU A 6 -20.93 -62.59 4.40
N ARG A 7 -21.47 -61.35 4.48
CA ARG A 7 -21.79 -60.46 3.35
C ARG A 7 -20.57 -60.12 2.49
N PRO A 8 -20.76 -60.09 1.15
CA PRO A 8 -19.63 -59.78 0.26
C PRO A 8 -19.16 -58.33 0.34
N GLY A 9 -17.96 -58.08 -0.19
CA GLY A 9 -17.33 -56.77 -0.21
C GLY A 9 -18.21 -55.67 -0.78
N SER A 10 -18.17 -54.50 -0.15
CA SER A 10 -18.97 -53.35 -0.55
C SER A 10 -18.32 -52.07 -0.03
N LEU A 11 -18.12 -51.06 -0.90
CA LEU A 11 -17.55 -49.79 -0.48
C LEU A 11 -18.56 -49.04 0.39
N ARG A 13 -21.19 -50.34 2.26
CA ARG A 13 -21.41 -51.01 3.55
C ARG A 13 -20.19 -50.90 4.49
N CYS A 15 -17.14 -49.03 3.99
CA CYS A 15 -16.47 -47.74 4.15
C CYS A 15 -17.40 -46.55 4.38
N LYS A 16 -18.53 -46.43 3.65
CA LYS A 16 -19.43 -45.29 3.87
C LYS A 16 -20.21 -45.38 5.19
N GLN A 19 -16.79 -47.62 9.16
CA GLN A 19 -15.57 -46.84 8.94
C GLN A 19 -14.66 -47.49 7.84
N CYS A 20 -13.83 -48.50 8.16
CA CYS A 20 -12.90 -49.21 7.26
C CYS A 20 -11.50 -48.61 7.29
N SER A 21 -10.50 -49.50 7.32
CA SER A 21 -9.07 -49.21 7.37
C SER A 21 -8.44 -49.32 5.96
N PHE A 22 -7.14 -49.01 5.85
CA PHE A 22 -6.43 -49.06 4.58
C PHE A 22 -6.48 -50.42 3.89
N ALA A 25 -10.20 -51.13 2.35
CA ALA A 25 -10.41 -50.44 1.09
C ALA A 25 -9.47 -51.00 0.03
N ARG A 26 -8.23 -51.39 0.40
CA ARG A 26 -7.30 -51.98 -0.58
C ARG A 26 -7.79 -53.33 -1.09
N ILE A 28 -10.96 -54.02 -1.57
CA ILE A 28 -12.03 -53.66 -2.50
C ILE A 28 -11.46 -53.11 -3.83
N PHE A 29 -10.57 -52.12 -3.75
CA PHE A 29 -9.98 -51.47 -4.94
C PHE A 29 -8.89 -52.29 -5.64
N LYS A 30 -8.15 -53.14 -4.89
CA LYS A 30 -7.06 -54.00 -5.39
C LYS A 30 -5.79 -53.23 -5.82
N ASP A 31 -5.91 -52.24 -6.72
CA ASP A 31 -4.76 -51.46 -7.15
C ASP A 31 -4.32 -50.49 -6.05
N ALA A 32 -3.00 -50.21 -6.00
CA ALA A 32 -2.38 -49.32 -5.04
C ALA A 32 -2.74 -47.89 -5.34
N ARG A 34 -5.26 -46.75 -7.07
CA ARG A 34 -6.69 -46.55 -6.86
C ARG A 34 -7.03 -46.42 -5.38
N THR A 35 -6.44 -47.27 -4.52
CA THR A 35 -6.68 -47.21 -3.08
C THR A 35 -6.09 -45.92 -2.46
N LYS A 36 -4.93 -45.48 -2.93
CA LYS A 36 -4.30 -44.26 -2.43
C LYS A 36 -5.17 -43.06 -2.77
N LEU A 37 -5.72 -43.03 -3.99
CA LEU A 37 -6.59 -41.97 -4.45
C LEU A 37 -7.83 -41.85 -3.56
N PHE A 38 -8.43 -42.99 -3.18
CA PHE A 38 -9.60 -42.98 -2.30
C PHE A 38 -9.20 -42.56 -0.89
N TRP A 39 -8.13 -43.18 -0.36
CA TRP A 39 -7.67 -42.99 1.02
C TRP A 39 -7.21 -41.59 1.37
N ILE A 40 -6.68 -40.82 0.40
CA ILE A 40 -6.19 -39.48 0.70
C ILE A 40 -7.36 -38.55 1.13
N SER A 41 -8.53 -38.66 0.49
CA SER A 41 -9.70 -37.88 0.89
C SER A 41 -10.50 -38.51 2.02
N TYR A 42 -10.45 -39.85 2.15
CA TYR A 42 -11.17 -40.60 3.17
C TYR A 42 -10.53 -40.48 4.58
N SER A 43 -9.22 -40.75 4.68
CA SER A 43 -8.51 -40.67 5.97
C SER A 43 -8.16 -39.25 6.39
N ASP A 44 -8.58 -38.25 5.62
CA ASP A 44 -8.25 -36.86 5.88
C ASP A 44 -9.09 -36.25 7.00
N GLY A 45 -10.34 -36.68 7.10
CA GLY A 45 -11.23 -36.19 8.14
C GLY A 45 -11.81 -34.82 7.84
N ASP A 46 -12.96 -34.53 8.45
CA ASP A 46 -13.67 -33.27 8.27
C ASP A 46 -13.15 -32.22 9.25
N GLN A 47 -12.27 -31.33 8.76
CA GLN A 47 -11.76 -30.21 9.59
C GLN A 47 -12.90 -29.26 10.00
N CYS A 48 -13.98 -29.21 9.23
CA CYS A 48 -15.11 -28.36 9.51
C CYS A 48 -16.05 -28.88 10.61
N ALA A 49 -15.78 -30.08 11.18
CA ALA A 49 -16.62 -30.64 12.25
C ALA A 49 -16.51 -29.87 13.55
N SER A 50 -15.34 -29.22 13.80
CA SER A 50 -15.16 -28.37 14.99
C SER A 50 -15.85 -27.00 14.87
N SER A 51 -16.61 -26.76 13.78
CA SER A 51 -17.27 -25.49 13.48
C SER A 51 -16.34 -24.27 13.67
N PRO A 52 -15.21 -24.21 12.96
CA PRO A 52 -14.26 -23.11 13.21
C PRO A 52 -14.68 -21.75 12.69
N CYS A 53 -15.66 -21.68 11.76
CA CYS A 53 -16.06 -20.37 11.25
C CYS A 53 -17.07 -19.66 12.16
N GLN A 54 -16.65 -18.51 12.67
CA GLN A 54 -17.41 -17.71 13.61
C GLN A 54 -18.29 -16.68 12.88
N ASN A 55 -19.16 -16.00 13.63
CA ASN A 55 -20.03 -14.93 13.19
C ASN A 55 -20.85 -15.25 11.95
N GLY A 56 -21.33 -16.48 11.87
CA GLY A 56 -22.18 -16.92 10.77
C GLY A 56 -21.49 -17.21 9.46
N GLY A 57 -20.22 -17.56 9.53
CA GLY A 57 -19.45 -17.91 8.35
C GLY A 57 -19.67 -19.34 7.89
N SER A 58 -19.23 -19.67 6.67
CA SER A 58 -19.39 -21.02 6.13
C SER A 58 -18.08 -21.76 5.93
N CYS A 59 -18.01 -23.00 6.41
CA CYS A 59 -16.81 -23.81 6.31
C CYS A 59 -16.78 -24.66 5.04
N LYS A 60 -15.58 -24.78 4.45
CA LYS A 60 -15.36 -25.63 3.30
C LYS A 60 -14.11 -26.45 3.54
N ASP A 61 -14.26 -27.77 3.54
CA ASP A 61 -13.17 -28.68 3.86
C ASP A 61 -12.13 -28.75 2.75
N GLN A 62 -10.87 -28.86 3.16
CA GLN A 62 -9.74 -29.01 2.26
C GLN A 62 -8.89 -30.20 2.78
N LEU A 63 -7.80 -30.55 2.09
CA LEU A 63 -6.95 -31.65 2.54
C LEU A 63 -6.06 -31.13 3.69
N GLN A 64 -6.39 -31.52 4.94
CA GLN A 64 -5.71 -31.15 6.18
C GLN A 64 -5.81 -29.67 6.50
N SER A 65 -6.94 -29.06 6.15
CA SER A 65 -7.22 -27.64 6.39
C SER A 65 -8.69 -27.33 6.03
N TYR A 66 -9.08 -26.06 6.05
CA TYR A 66 -10.41 -25.63 5.68
C TYR A 66 -10.33 -24.15 5.23
N ILE A 67 -11.43 -23.62 4.66
CA ILE A 67 -11.55 -22.23 4.28
C ILE A 67 -12.87 -21.71 4.82
N CYS A 68 -12.86 -20.53 5.43
CA CYS A 68 -14.06 -19.92 5.98
C CYS A 68 -14.49 -18.81 5.04
N PHE A 69 -15.77 -18.80 4.72
CA PHE A 69 -16.36 -17.79 3.89
C PHE A 69 -17.10 -16.91 4.86
N CYS A 70 -16.67 -15.66 5.00
CA CYS A 70 -17.25 -14.76 5.98
C CYS A 70 -18.43 -13.96 5.45
N LEU A 71 -19.28 -13.47 6.35
CA LEU A 71 -20.32 -12.52 6.00
C LEU A 71 -19.61 -11.14 5.81
N PRO A 72 -20.21 -10.20 5.04
CA PRO A 72 -19.52 -8.93 4.73
C PRO A 72 -18.86 -8.13 5.86
N ALA A 73 -19.44 -8.16 7.07
CA ALA A 73 -18.89 -7.40 8.19
C ALA A 73 -17.74 -8.08 8.89
N PHE A 74 -17.32 -9.30 8.47
CA PHE A 74 -16.25 -10.01 9.20
C PHE A 74 -15.07 -10.44 8.34
N GLU A 75 -13.93 -10.74 8.98
CA GLU A 75 -12.74 -11.22 8.30
C GLU A 75 -11.85 -12.08 9.23
N GLY A 76 -10.77 -12.62 8.71
CA GLY A 76 -9.88 -13.49 9.46
C GLY A 76 -10.03 -14.93 9.04
N ARG A 77 -9.06 -15.76 9.33
CA ARG A 77 -9.11 -17.19 9.03
C ARG A 77 -10.43 -17.88 9.45
N ASN A 78 -10.92 -17.50 10.63
CA ASN A 78 -12.13 -18.04 11.24
C ASN A 78 -13.27 -17.05 11.36
N CYS A 79 -13.24 -15.94 10.59
CA CYS A 79 -14.25 -14.88 10.60
C CYS A 79 -14.39 -14.23 11.98
N GLU A 80 -13.29 -14.17 12.75
CA GLU A 80 -13.29 -13.65 14.11
C GLU A 80 -13.20 -12.11 14.16
N THR A 81 -12.61 -11.49 13.15
CA THR A 81 -12.40 -10.05 13.14
C THR A 81 -13.66 -9.30 12.72
N HIS A 82 -14.21 -8.46 13.61
CA HIS A 82 -15.39 -7.66 13.31
C HIS A 82 -14.87 -6.38 12.66
N LYS A 83 -15.31 -6.06 11.44
CA LYS A 83 -14.82 -4.85 10.75
C LYS A 83 -15.24 -3.55 11.44
N ASP A 84 -16.28 -3.59 12.28
CA ASP A 84 -16.78 -2.42 13.01
C ASP A 84 -15.86 -2.00 14.15
N ASP A 85 -15.10 -2.93 14.71
CA ASP A 85 -14.17 -2.63 15.79
C ASP A 85 -12.85 -2.08 15.32
N GLN A 86 -12.75 -1.62 14.06
CA GLN A 86 -11.49 -1.14 13.52
C GLN A 86 -11.49 0.37 13.28
N LEU A 87 -12.43 1.15 13.85
CA LEU A 87 -12.46 2.61 13.66
C LEU A 87 -11.43 3.36 14.49
N ILE A 88 -10.16 3.19 14.13
CA ILE A 88 -9.03 3.84 14.74
C ILE A 88 -8.30 4.71 13.68
N CYS A 89 -7.63 5.77 14.13
CA CYS A 89 -6.93 6.74 13.29
C CYS A 89 -5.83 6.14 12.43
N VAL A 90 -5.30 4.97 12.79
CA VAL A 90 -4.28 4.32 11.96
C VAL A 90 -4.89 3.45 10.85
N ASN A 91 -6.22 3.26 10.86
CA ASN A 91 -6.91 2.50 9.84
C ASN A 91 -7.55 3.49 8.89
N GLU A 92 -6.91 3.75 7.74
CA GLU A 92 -7.43 4.67 6.71
C GLU A 92 -7.85 6.02 7.30
N ASN A 93 -7.04 6.52 8.24
CA ASN A 93 -7.23 7.81 8.89
C ASN A 93 -8.56 7.91 9.67
N GLY A 94 -9.11 6.77 10.08
CA GLY A 94 -10.38 6.69 10.80
C GLY A 94 -11.58 7.08 9.96
N GLY A 95 -11.43 7.07 8.64
CA GLY A 95 -12.48 7.55 7.76
C GLY A 95 -12.55 9.07 7.71
N CYS A 96 -11.58 9.77 8.31
CA CYS A 96 -11.54 11.24 8.31
C CYS A 96 -10.97 11.74 7.01
N GLU A 97 -11.44 12.92 6.58
CA GLU A 97 -10.94 13.55 5.37
C GLU A 97 -9.62 14.25 5.67
N GLN A 98 -9.49 14.90 6.83
CA GLN A 98 -8.27 15.59 7.22
C GLN A 98 -7.67 15.03 8.52
N TYR A 99 -7.96 15.62 9.69
CA TYR A 99 -7.36 15.14 10.94
C TYR A 99 -8.20 14.09 11.65
N CYS A 100 -7.55 13.21 12.40
CA CYS A 100 -8.22 12.17 13.14
C CYS A 100 -7.70 12.20 14.56
N SER A 101 -8.60 12.19 15.54
CA SER A 101 -8.19 12.19 16.95
C SER A 101 -8.69 10.91 17.63
N ASP A 102 -7.76 10.06 18.10
CA ASP A 102 -8.14 8.82 18.77
C ASP A 102 -8.62 9.13 20.17
N HIS A 103 -9.75 8.51 20.56
CA HIS A 103 -10.31 8.72 21.88
C HIS A 103 -10.58 7.41 22.56
N THR A 104 -9.93 7.17 23.71
CA THR A 104 -10.17 5.94 24.45
C THR A 104 -11.49 6.03 25.22
N GLY A 105 -12.20 4.91 25.32
CA GLY A 105 -13.51 4.88 25.94
C GLY A 105 -14.54 5.20 24.88
N THR A 106 -14.59 6.47 24.46
CA THR A 106 -15.49 6.91 23.37
C THR A 106 -14.85 6.67 21.97
N LYS A 107 -15.62 6.87 20.87
CA LYS A 107 -15.09 6.70 19.51
C LYS A 107 -14.16 7.87 19.08
N ARG A 108 -13.46 7.69 17.94
CA ARG A 108 -12.57 8.70 17.37
C ARG A 108 -13.34 9.92 16.87
N SER A 109 -12.67 11.06 16.74
CA SER A 109 -13.32 12.26 16.22
C SER A 109 -12.47 12.91 15.12
N CYS A 110 -13.09 13.26 14.01
CA CYS A 110 -12.40 13.91 12.91
C CYS A 110 -12.32 15.42 13.14
N ARG A 111 -11.23 16.05 12.67
CA ARG A 111 -11.03 17.49 12.73
C ARG A 111 -10.54 18.05 11.37
N CYS A 112 -10.46 19.39 11.22
CA CYS A 112 -10.01 20.06 9.99
C CYS A 112 -8.85 21.03 10.24
N HIS A 113 -8.08 21.29 9.18
CA HIS A 113 -7.03 22.30 9.20
C HIS A 113 -7.72 23.68 9.24
N GLU A 114 -7.03 24.73 9.69
CA GLU A 114 -7.54 26.09 9.68
C GLU A 114 -8.01 26.50 8.26
N GLY A 115 -9.07 27.27 8.17
CA GLY A 115 -9.67 27.62 6.88
C GLY A 115 -10.69 26.60 6.41
N TYR A 116 -10.96 25.58 7.23
CA TYR A 116 -11.93 24.54 6.97
C TYR A 116 -12.74 24.28 8.25
N SER A 117 -13.98 23.78 8.08
CA SER A 117 -14.81 23.40 9.23
C SER A 117 -15.43 22.01 9.02
N LEU A 118 -15.68 21.28 10.12
CA LEU A 118 -16.24 19.94 10.04
C LEU A 118 -17.70 19.91 9.57
N LEU A 119 -18.02 19.07 8.57
CA LEU A 119 -19.37 18.94 8.03
C LEU A 119 -20.29 18.07 8.93
N ALA A 120 -21.57 17.90 8.55
CA ALA A 120 -22.55 17.15 9.34
C ALA A 120 -22.21 15.68 9.51
N ASP A 121 -21.71 15.01 8.44
CA ASP A 121 -21.32 13.59 8.48
C ASP A 121 -20.19 13.26 9.49
N GLY A 122 -19.66 14.28 10.16
CA GLY A 122 -18.63 14.18 11.17
C GLY A 122 -17.24 13.82 10.68
N VAL A 123 -17.08 13.59 9.35
CA VAL A 123 -15.82 13.16 8.73
C VAL A 123 -15.28 14.10 7.61
N SER A 124 -16.15 14.79 6.88
CA SER A 124 -15.78 15.67 5.77
C SER A 124 -15.48 17.08 6.24
N CYS A 125 -14.70 17.83 5.43
CA CYS A 125 -14.31 19.22 5.71
C CYS A 125 -14.68 20.13 4.55
N THR A 126 -15.06 21.37 4.86
CA THR A 126 -15.46 22.34 3.84
C THR A 126 -14.75 23.68 4.08
N PRO A 127 -14.27 24.33 3.00
CA PRO A 127 -13.54 25.58 3.18
C PRO A 127 -14.40 26.73 3.71
N THR A 128 -13.89 27.46 4.69
CA THR A 128 -14.54 28.64 5.25
C THR A 128 -13.89 29.96 4.77
N VAL A 129 -12.90 29.88 3.83
CA VAL A 129 -12.19 31.01 3.24
C VAL A 129 -12.22 30.87 1.71
N GLU A 130 -12.05 31.98 1.02
CA GLU A 130 -12.04 31.99 -0.45
C GLU A 130 -10.87 31.17 -0.98
N TYR A 131 -9.69 31.27 -0.32
CA TYR A 131 -8.49 30.57 -0.77
C TYR A 131 -7.89 29.66 0.32
N PRO A 132 -8.55 28.52 0.64
CA PRO A 132 -8.00 27.63 1.67
C PRO A 132 -6.67 26.97 1.22
N CYS A 133 -5.77 26.71 2.18
CA CYS A 133 -4.51 26.03 1.91
C CYS A 133 -4.72 24.66 1.21
N GLY A 134 -3.79 24.30 0.34
CA GLY A 134 -3.74 22.99 -0.31
C GLY A 134 -4.80 22.67 -1.33
N LYS A 135 -5.38 23.72 -1.93
CA LYS A 135 -6.36 23.56 -2.99
C LYS A 135 -5.95 24.40 -4.20
N ILE A 136 -6.16 23.90 -5.41
CA ILE A 136 -5.73 24.60 -6.62
C ILE A 136 -6.90 25.28 -7.30
N PRO A 137 -7.01 26.61 -7.16
CA PRO A 137 -8.16 27.34 -7.75
C PRO A 137 -8.36 27.19 -9.26
N ILE A 138 -7.30 27.16 -10.10
CA ILE A 138 -7.51 27.04 -11.54
C ILE A 138 -8.10 25.66 -11.93
N LEU A 139 -8.04 24.64 -11.05
CA LEU A 139 -8.68 23.35 -11.30
C LEU A 139 -10.04 23.26 -10.50
N GLU A 140 -10.65 24.43 -10.19
CA GLU A 140 -11.89 24.63 -9.44
C GLU A 140 -11.73 24.17 -7.98
N LYS A 141 -10.65 24.63 -7.31
CA LYS A 141 -10.26 24.31 -5.94
C LYS A 141 -10.61 22.85 -5.50
N ILE B 1 14.90 20.16 -11.89
CA ILE B 1 14.19 18.90 -11.89
C ILE B 1 14.64 18.18 -13.12
N VAL B 2 15.06 16.91 -12.98
CA VAL B 2 15.42 16.02 -14.10
C VAL B 2 14.30 14.99 -14.30
N GLY B 3 13.83 14.82 -15.52
CA GLY B 3 12.82 13.82 -15.83
C GLY B 3 11.40 14.21 -15.54
N GLY B 4 11.15 15.50 -15.30
CA GLY B 4 9.82 15.99 -15.00
C GLY B 4 9.13 16.60 -16.20
N LYS B 5 8.09 17.42 -15.93
CA LYS B 5 7.28 18.13 -16.92
C LYS B 5 7.11 19.59 -16.47
N VAL B 6 6.63 20.47 -17.36
CA VAL B 6 6.35 21.85 -16.98
C VAL B 6 5.07 21.83 -16.12
N CYS B 7 5.09 22.53 -14.97
CA CYS B 7 3.90 22.64 -14.14
C CYS B 7 3.01 23.62 -14.84
N PRO B 8 1.80 23.22 -15.27
CA PRO B 8 0.93 24.19 -15.94
C PRO B 8 0.68 25.40 -15.03
N LYS B 9 0.69 26.62 -15.62
CA LYS B 9 0.59 27.87 -14.87
C LYS B 9 -0.57 27.87 -13.88
N GLY B 10 -0.25 28.17 -12.62
CA GLY B 10 -1.22 28.19 -11.53
C GLY B 10 -1.44 26.86 -10.84
N GLU B 11 -0.79 25.75 -11.29
CA GLU B 11 -1.02 24.42 -10.72
C GLU B 11 -0.07 23.99 -9.59
N CYS B 12 0.95 24.82 -9.31
CA CYS B 12 1.87 24.66 -8.19
C CYS B 12 1.79 26.07 -7.51
N PRO B 13 0.62 26.47 -6.95
CA PRO B 13 0.47 27.87 -6.51
C PRO B 13 1.23 28.28 -5.26
N TRP B 14 1.74 27.31 -4.52
CA TRP B 14 2.53 27.53 -3.29
C TRP B 14 4.04 27.62 -3.55
N GLN B 15 4.49 27.41 -4.79
CA GLN B 15 5.92 27.52 -5.10
C GLN B 15 6.46 28.97 -4.99
N VAL B 16 7.61 29.12 -4.28
CA VAL B 16 8.31 30.37 -4.05
C VAL B 16 9.66 30.31 -4.77
N LEU B 17 10.06 31.43 -5.40
CA LEU B 17 11.37 31.59 -5.99
C LEU B 17 12.10 32.54 -5.06
N LEU B 18 13.23 32.12 -4.48
CA LEU B 18 14.01 33.01 -3.60
C LEU B 18 15.13 33.60 -4.41
N LEU B 19 15.28 34.94 -4.35
CA LEU B 19 16.36 35.63 -5.04
C LEU B 19 17.22 36.39 -4.00
N VAL B 20 18.53 36.47 -4.25
CA VAL B 20 19.44 37.26 -3.43
C VAL B 20 20.18 38.21 -4.39
N ASN B 21 20.03 39.53 -4.19
CA ASN B 21 20.59 40.56 -5.10
C ASN B 21 20.07 40.34 -6.56
N GLY B 22 18.80 40.02 -6.71
CA GLY B 22 18.18 39.76 -8.02
C GLY B 22 18.52 38.42 -8.64
N ALA B 23 19.46 37.66 -8.06
CA ALA B 23 19.86 36.37 -8.63
C ALA B 23 19.09 35.21 -8.02
N GLN B 24 18.72 34.20 -8.85
CA GLN B 24 18.03 32.98 -8.41
C GLN B 24 18.82 32.27 -7.33
N LEU B 25 18.25 32.09 -6.15
CA LEU B 25 18.93 31.44 -5.05
C LEU B 25 18.43 30.02 -4.81
N CYS B 26 17.16 29.88 -4.41
CA CYS B 26 16.59 28.61 -4.02
C CYS B 26 15.07 28.64 -4.26
N GLY B 27 14.41 27.56 -3.90
CA GLY B 27 12.98 27.42 -3.89
C GLY B 27 12.48 27.56 -2.47
N GLY B 28 11.16 27.55 -2.31
CA GLY B 28 10.47 27.67 -1.04
C GLY B 28 9.01 27.26 -1.22
N THR B 29 8.24 27.24 -0.12
CA THR B 29 6.84 26.86 -0.16
C THR B 29 6.07 27.81 0.72
N LEU B 30 5.02 28.43 0.21
CA LEU B 30 4.20 29.36 1.00
C LEU B 30 3.29 28.51 1.89
N ILE B 31 3.32 28.69 3.22
CA ILE B 31 2.45 27.92 4.13
C ILE B 31 1.28 28.77 4.70
N ASN B 32 1.33 30.10 4.50
CA ASN B 32 0.28 31.07 4.84
C ASN B 32 0.67 32.42 4.21
N THR B 33 -0.06 33.52 4.43
CA THR B 33 0.28 34.80 3.77
C THR B 33 1.61 35.39 4.19
N ILE B 34 2.13 35.01 5.36
CA ILE B 34 3.37 35.60 5.87
C ILE B 34 4.59 34.65 5.92
N TRP B 35 4.39 33.34 6.12
CA TRP B 35 5.51 32.43 6.31
C TRP B 35 5.82 31.50 5.13
N VAL B 36 7.14 31.34 4.84
CA VAL B 36 7.63 30.48 3.77
C VAL B 36 8.62 29.43 4.34
N VAL B 37 8.51 28.14 3.97
CA VAL B 37 9.47 27.13 4.44
C VAL B 37 10.51 26.90 3.35
N SER B 38 11.81 26.92 3.66
CA SER B 38 12.86 26.65 2.66
C SER B 38 13.95 25.67 3.23
N ALA B 39 15.15 25.59 2.64
CA ALA B 39 16.19 24.71 3.16
C ALA B 39 17.33 25.56 3.81
N ALA B 40 17.91 25.12 4.94
CA ALA B 40 18.96 25.90 5.64
C ALA B 40 20.22 26.08 4.82
N HIS B 41 20.63 25.06 4.05
CA HIS B 41 21.85 25.17 3.24
C HIS B 41 21.77 26.28 2.17
N CYS B 42 20.56 26.71 1.81
CA CYS B 42 20.38 27.80 0.86
C CYS B 42 21.03 29.10 1.34
N PHE B 43 21.12 29.28 2.65
CA PHE B 43 21.63 30.51 3.22
C PHE B 43 23.09 30.39 3.70
N ASP B 44 23.79 29.30 3.36
CA ASP B 44 25.17 29.04 3.79
C ASP B 44 26.16 30.16 3.44
N LYS B 45 26.09 30.66 2.20
CA LYS B 45 27.01 31.69 1.72
C LYS B 45 26.40 33.08 1.55
N ILE B 46 25.34 33.40 2.28
CA ILE B 46 24.70 34.71 2.16
C ILE B 46 25.46 35.76 2.97
N LYS B 47 25.82 36.89 2.32
CA LYS B 47 26.53 38.01 2.94
C LYS B 47 25.53 39.18 3.14
N ASN B 48 24.75 39.51 2.09
CA ASN B 48 23.74 40.57 2.07
C ASN B 48 22.35 40.06 2.50
N TRP B 49 22.14 39.94 3.82
CA TRP B 49 20.94 39.49 4.48
C TRP B 49 19.72 40.39 4.27
N ARG B 50 19.94 41.67 3.96
CA ARG B 50 18.86 42.63 3.71
C ARG B 50 18.38 42.61 2.24
N ASN B 51 19.08 41.88 1.35
CA ASN B 51 18.75 41.80 -0.08
C ASN B 51 18.01 40.49 -0.49
N LEU B 52 17.29 39.84 0.47
CA LEU B 52 16.55 38.60 0.19
C LEU B 52 15.12 38.88 -0.26
N ILE B 53 14.75 38.34 -1.42
CA ILE B 53 13.41 38.54 -1.98
C ILE B 53 12.71 37.20 -2.19
N ALA B 54 11.42 37.10 -1.83
CA ALA B 54 10.61 35.91 -2.11
C ALA B 54 9.63 36.31 -3.21
N VAL B 55 9.50 35.49 -4.25
CA VAL B 55 8.58 35.78 -5.34
C VAL B 55 7.48 34.69 -5.41
N LEU B 56 6.21 35.12 -5.35
CA LEU B 56 5.06 34.23 -5.44
C LEU B 56 4.35 34.42 -6.80
N GLY B 57 3.66 33.41 -7.29
CA GLY B 57 2.94 33.50 -8.56
C GLY B 57 3.83 33.47 -9.79
N GLU B 58 5.11 33.11 -9.62
CA GLU B 58 6.09 33.00 -10.70
C GLU B 58 5.85 31.73 -11.49
N HIS B 59 6.10 31.81 -12.80
CA HIS B 59 5.97 30.65 -13.65
C HIS B 59 7.12 30.66 -14.66
N ASP B 60 7.22 31.74 -15.41
CA ASP B 60 8.21 31.86 -16.45
C ASP B 60 9.16 32.95 -16.06
N LEU B 61 10.42 32.57 -15.84
CA LEU B 61 11.45 33.51 -15.39
C LEU B 61 11.84 34.55 -16.44
N SER B 62 11.51 34.32 -17.71
CA SER B 62 11.85 35.26 -18.78
C SER B 62 10.77 36.30 -19.06
N GLU B 63 9.55 36.15 -18.50
CA GLU B 63 8.46 37.07 -18.76
C GLU B 63 7.79 37.42 -17.47
N HIS B 64 7.52 38.71 -17.23
CA HIS B 64 6.79 39.14 -16.05
C HIS B 64 5.32 39.33 -16.44
N ASP B 65 4.40 38.81 -15.62
CA ASP B 65 2.96 39.04 -15.83
C ASP B 65 2.31 39.62 -14.54
N GLY B 66 1.02 39.93 -14.58
CA GLY B 66 0.34 40.50 -13.43
C GLY B 66 0.17 39.55 -12.27
N ASP B 67 0.52 38.27 -12.43
CA ASP B 67 0.34 37.29 -11.37
C ASP B 67 1.46 37.22 -10.34
N GLU B 68 2.64 37.76 -10.64
CA GLU B 68 3.77 37.73 -9.72
C GLU B 68 3.71 38.78 -8.64
N GLN B 69 3.94 38.36 -7.38
CA GLN B 69 4.04 39.26 -6.24
C GLN B 69 5.39 39.08 -5.59
N SER B 70 6.00 40.16 -5.16
CA SER B 70 7.33 40.11 -4.53
C SER B 70 7.26 40.66 -3.12
N ARG B 71 8.00 40.03 -2.21
CA ARG B 71 8.07 40.50 -0.84
C ARG B 71 9.49 40.37 -0.32
N ARG B 72 9.95 41.34 0.47
CA ARG B 72 11.25 41.26 1.11
C ARG B 72 11.17 40.21 2.24
N VAL B 73 12.27 39.50 2.48
CA VAL B 73 12.33 38.53 3.54
C VAL B 73 12.88 39.25 4.80
N ALA B 74 12.02 39.39 5.81
CA ALA B 74 12.32 40.08 7.06
C ALA B 74 13.13 39.22 8.02
N GLN B 75 12.96 37.89 7.98
CA GLN B 75 13.68 37.01 8.89
C GLN B 75 13.85 35.57 8.37
N VAL B 76 15.06 35.00 8.47
CA VAL B 76 15.36 33.62 8.09
C VAL B 76 15.65 32.90 9.42
N ILE B 77 14.89 31.87 9.77
CA ILE B 77 15.08 31.14 11.02
C ILE B 77 15.56 29.72 10.72
N ILE B 78 16.73 29.37 11.23
CA ILE B 78 17.33 28.06 11.00
C ILE B 78 17.54 27.33 12.35
N PRO B 79 17.39 25.98 12.46
CA PRO B 79 17.63 25.34 13.77
C PRO B 79 19.09 25.46 14.16
N SER B 80 19.36 25.61 15.46
CA SER B 80 20.71 25.76 16.01
C SER B 80 21.59 24.56 15.72
N THR B 81 20.97 23.36 15.70
CA THR B 81 21.65 22.09 15.46
C THR B 81 22.20 21.99 14.02
N TYR B 82 21.70 22.79 13.07
CA TYR B 82 22.17 22.74 11.69
C TYR B 82 23.63 23.20 11.61
N VAL B 83 24.48 22.46 10.88
CA VAL B 83 25.90 22.78 10.69
C VAL B 83 26.11 23.08 9.20
N PRO B 84 26.45 24.34 8.82
CA PRO B 84 26.65 24.65 7.40
C PRO B 84 27.59 23.72 6.65
N GLY B 85 27.22 23.44 5.42
CA GLY B 85 27.97 22.53 4.57
C GLY B 85 27.61 21.07 4.79
N THR B 86 26.61 20.76 5.63
CA THR B 86 26.20 19.38 5.93
C THR B 86 24.71 19.14 5.55
N THR B 87 24.24 17.87 5.70
CA THR B 87 22.88 17.49 5.31
C THR B 87 21.80 17.57 6.41
N ASN B 88 22.13 17.27 7.69
CA ASN B 88 21.11 17.15 8.74
C ASN B 88 20.47 18.47 9.14
N HIS B 89 19.15 18.42 9.48
CA HIS B 89 18.34 19.59 9.89
C HIS B 89 18.27 20.66 8.82
N ASP B 90 18.10 20.22 7.56
CA ASP B 90 18.09 21.13 6.45
C ASP B 90 16.70 21.77 6.22
N ILE B 91 16.35 22.76 7.09
CA ILE B 91 15.09 23.48 7.12
C ILE B 91 15.29 24.96 7.55
N ALA B 92 14.53 25.87 6.95
CA ALA B 92 14.57 27.32 7.27
C ALA B 92 13.13 27.80 7.23
N LEU B 93 12.76 28.67 8.17
CA LEU B 93 11.43 29.23 8.21
C LEU B 93 11.60 30.75 7.94
N LEU B 94 10.97 31.26 6.87
CA LEU B 94 11.12 32.66 6.45
C LEU B 94 9.90 33.52 6.74
N ARG B 95 10.11 34.70 7.33
CA ARG B 95 9.02 35.64 7.63
C ARG B 95 9.01 36.75 6.58
N LEU B 96 7.90 36.92 5.84
CA LEU B 96 7.83 37.98 4.82
C LEU B 96 7.52 39.33 5.49
N HIS B 97 8.12 40.41 4.97
CA HIS B 97 7.96 41.75 5.55
C HIS B 97 6.50 42.20 5.50
N GLN B 98 5.83 41.92 4.40
CA GLN B 98 4.42 42.22 4.25
C GLN B 98 3.76 40.97 3.68
N PRO B 99 2.50 40.71 4.02
CA PRO B 99 1.85 39.50 3.50
C PRO B 99 1.58 39.54 2.01
N VAL B 100 1.51 38.37 1.38
CA VAL B 100 1.14 38.31 -0.02
C VAL B 100 -0.40 38.28 -0.05
N VAL B 101 -0.97 38.53 -1.22
CA VAL B 101 -2.40 38.46 -1.40
C VAL B 101 -2.71 37.12 -2.03
N LEU B 102 -3.66 36.38 -1.46
CA LEU B 102 -4.02 35.10 -2.05
C LEU B 102 -4.88 35.33 -3.26
N THR B 103 -4.49 34.73 -4.39
CA THR B 103 -5.17 34.82 -5.69
C THR B 103 -5.34 33.39 -6.29
N ASP B 104 -5.92 33.26 -7.50
CA ASP B 104 -6.01 31.99 -8.19
C ASP B 104 -4.59 31.39 -8.45
N HIS B 105 -3.54 32.27 -8.49
CA HIS B 105 -2.15 31.91 -8.75
C HIS B 105 -1.25 31.85 -7.52
N VAL B 106 -1.71 32.34 -6.35
CA VAL B 106 -0.90 32.39 -5.12
C VAL B 106 -1.73 31.79 -3.99
N VAL B 107 -1.44 30.55 -3.59
CA VAL B 107 -2.21 29.85 -2.57
C VAL B 107 -1.21 29.09 -1.68
N PRO B 108 -1.38 29.11 -0.36
CA PRO B 108 -0.46 28.37 0.52
C PRO B 108 -0.73 26.85 0.52
N LEU B 109 0.30 26.07 0.86
CA LEU B 109 0.24 24.60 0.98
C LEU B 109 -0.02 24.30 2.48
N CYS B 110 -0.92 23.36 2.82
CA CYS B 110 -1.23 23.10 4.24
C CYS B 110 -0.04 22.54 4.95
N LEU B 111 0.35 23.12 6.10
CA LEU B 111 1.38 22.52 6.95
C LEU B 111 0.55 21.55 7.82
N PRO B 112 0.82 20.24 7.80
CA PRO B 112 -0.06 19.31 8.55
C PRO B 112 0.29 19.16 10.03
N GLU B 113 -0.58 18.52 10.78
CA GLU B 113 -0.32 18.11 12.17
C GLU B 113 0.70 16.96 12.10
N ARG B 114 1.55 16.84 13.12
CA ARG B 114 2.55 15.78 13.19
C ARG B 114 2.00 14.35 13.04
N THR B 115 0.95 14.01 13.80
CA THR B 115 0.38 12.67 13.79
C THR B 115 -0.26 12.32 12.45
N PHE B 116 -1.04 13.23 11.84
CA PHE B 116 -1.63 12.99 10.53
C PHE B 116 -0.54 12.74 9.47
N SER B 117 0.57 13.46 9.58
CA SER B 117 1.69 13.36 8.68
C SER B 117 2.45 12.03 8.84
N GLU B 118 2.68 11.62 10.10
CA GLU B 118 3.37 10.38 10.41
C GLU B 118 2.60 9.10 10.14
N ARG B 119 1.28 9.04 10.44
CA ARG B 119 0.55 7.78 10.23
C ARG B 119 -0.31 7.75 8.98
N THR B 120 -0.57 8.91 8.35
CA THR B 120 -1.39 8.92 7.15
C THR B 120 -0.58 9.36 5.92
N LEU B 121 -0.08 10.61 5.88
CA LEU B 121 0.68 11.13 4.75
C LEU B 121 1.93 10.35 4.42
N ALA B 122 2.58 9.76 5.41
CA ALA B 122 3.79 8.98 5.15
C ALA B 122 3.55 7.74 4.33
N PHE B 123 2.28 7.30 4.20
CA PHE B 123 1.98 6.08 3.47
C PHE B 123 1.29 6.31 2.14
N VAL B 124 1.26 7.55 1.68
CA VAL B 124 0.79 7.91 0.37
C VAL B 124 2.05 7.68 -0.50
N ARG B 125 1.96 6.79 -1.48
CA ARG B 125 3.12 6.41 -2.29
C ARG B 125 3.79 7.58 -3.05
N PHE B 126 3.04 8.33 -3.85
CA PHE B 126 3.61 9.38 -4.67
C PHE B 126 3.30 10.76 -4.17
N SER B 127 4.26 11.65 -4.37
CA SER B 127 4.12 13.06 -4.05
C SER B 127 4.82 13.88 -5.14
N LEU B 128 4.59 15.20 -5.16
CA LEU B 128 5.19 16.05 -6.21
C LEU B 128 6.33 16.88 -5.72
N VAL B 129 7.39 16.99 -6.52
CA VAL B 129 8.53 17.88 -6.25
C VAL B 129 8.64 18.88 -7.40
N SER B 130 8.98 20.14 -7.10
CA SER B 130 9.03 21.18 -8.11
C SER B 130 10.14 22.22 -7.94
N GLY B 131 10.45 22.92 -9.03
CA GLY B 131 11.45 23.97 -9.03
C GLY B 131 11.93 24.44 -10.38
N TRP B 132 12.75 25.52 -10.37
CA TRP B 132 13.42 26.09 -11.56
C TRP B 132 14.92 25.67 -11.59
N GLY B 133 15.26 24.57 -10.95
CA GLY B 133 16.62 24.09 -10.88
C GLY B 133 17.10 23.41 -12.13
N GLN B 134 18.32 22.89 -12.07
CA GLN B 134 18.97 22.23 -13.19
C GLN B 134 18.15 21.10 -13.79
N LEU B 135 18.10 21.06 -15.13
CA LEU B 135 17.39 20.04 -15.91
C LEU B 135 18.18 18.72 -16.10
N LEU B 136 19.46 18.71 -15.66
CA LEU B 136 20.46 17.62 -15.66
C LEU B 136 21.49 18.01 -14.60
N ASP B 137 22.18 17.04 -13.96
CA ASP B 137 23.23 17.40 -13.00
C ASP B 137 24.36 18.13 -13.74
N ARG B 138 24.73 19.32 -13.22
CA ARG B 138 25.73 20.23 -13.81
C ARG B 138 25.19 20.98 -15.09
N GLY B 139 23.93 20.74 -15.45
CA GLY B 139 23.29 21.37 -16.61
C GLY B 139 22.73 22.75 -16.31
N ALA B 140 22.06 23.33 -17.29
CA ALA B 140 21.47 24.66 -17.13
C ALA B 140 20.12 24.55 -16.38
N THR B 141 19.65 25.66 -15.82
CA THR B 141 18.41 25.67 -15.07
C THR B 141 17.18 25.83 -15.98
N ALA B 142 15.98 25.62 -15.44
CA ALA B 142 14.73 25.75 -16.18
C ALA B 142 14.20 27.19 -16.15
N LEU B 143 13.59 27.61 -17.24
CA LEU B 143 12.98 28.93 -17.37
C LEU B 143 11.51 28.86 -16.89
N GLU B 144 10.84 27.70 -17.04
CA GLU B 144 9.47 27.52 -16.55
C GLU B 144 9.47 26.50 -15.42
N LEU B 145 8.60 26.71 -14.42
CA LEU B 145 8.50 25.83 -13.28
C LEU B 145 8.29 24.37 -13.69
N MET B 146 9.18 23.50 -13.25
CA MET B 146 9.08 22.08 -13.57
C MET B 146 8.52 21.32 -12.37
N VAL B 147 7.80 20.21 -12.63
CA VAL B 147 7.23 19.37 -11.58
C VAL B 147 7.50 17.87 -11.89
N LEU B 148 7.66 17.05 -10.84
CA LEU B 148 7.99 15.62 -10.97
C LEU B 148 7.27 14.79 -9.88
N ASN B 149 6.64 13.69 -10.26
CA ASN B 149 5.99 12.79 -9.31
C ASN B 149 7.02 11.75 -8.81
N VAL B 150 7.21 11.60 -7.48
CA VAL B 150 8.20 10.67 -6.93
C VAL B 150 7.60 9.75 -5.83
N PRO B 151 7.99 8.46 -5.85
CA PRO B 151 7.53 7.53 -4.81
C PRO B 151 8.39 7.56 -3.53
N ARG B 152 7.75 7.50 -2.38
CA ARG B 152 8.46 7.55 -1.10
C ARG B 152 8.94 6.15 -0.66
N LEU B 153 10.09 6.08 0.02
CA LEU B 153 10.65 4.86 0.55
C LEU B 153 10.95 5.05 2.03
N MET B 154 10.74 3.98 2.79
CA MET B 154 11.12 3.92 4.19
C MET B 154 12.64 3.75 4.17
N THR B 155 13.36 4.35 5.15
CA THR B 155 14.81 4.42 5.11
C THR B 155 15.45 3.04 5.02
N GLN B 156 14.88 2.00 5.66
CA GLN B 156 15.44 0.64 5.56
C GLN B 156 15.45 0.18 4.08
N ASP B 157 14.32 0.29 3.40
CA ASP B 157 14.25 -0.03 1.97
C ASP B 157 15.21 0.83 1.14
N CYS B 158 15.27 2.14 1.40
CA CYS B 158 16.14 3.06 0.70
C CYS B 158 17.62 2.65 0.80
N LEU B 159 18.13 2.35 2.00
CA LEU B 159 19.51 1.95 2.18
C LEU B 159 19.81 0.59 1.54
N GLN B 160 18.85 -0.36 1.62
CA GLN B 160 19.03 -1.68 1.02
C GLN B 160 19.01 -1.60 -0.52
N GLN B 161 18.30 -0.62 -1.07
CA GLN B 161 18.19 -0.47 -2.52
C GLN B 161 19.20 0.51 -3.10
N SER B 162 20.12 1.07 -2.29
CA SER B 162 21.12 2.02 -2.73
C SER B 162 22.52 1.42 -2.83
N ARG B 163 23.42 2.09 -3.54
CA ARG B 163 24.82 1.73 -3.66
C ARG B 163 25.58 2.87 -2.99
N LYS B 164 26.54 2.54 -2.14
CA LYS B 164 27.35 3.54 -1.45
C LYS B 164 28.41 4.17 -2.37
N VAL B 165 27.95 4.90 -3.40
CA VAL B 165 28.78 5.58 -4.40
C VAL B 165 28.80 7.08 -4.14
N GLY B 166 29.94 7.71 -4.46
CA GLY B 166 30.16 9.13 -4.27
C GLY B 166 29.95 9.59 -2.85
N ASP B 167 29.20 10.68 -2.67
CA ASP B 167 28.90 11.20 -1.34
C ASP B 167 27.66 10.48 -0.82
N SER B 168 27.83 9.64 0.21
CA SER B 168 26.70 8.93 0.81
C SER B 168 26.57 9.27 2.30
N PRO B 169 26.17 10.51 2.67
CA PRO B 169 25.99 10.82 4.10
C PRO B 169 24.87 9.99 4.72
N ASN B 170 24.88 9.85 6.05
CA ASN B 170 23.85 9.09 6.73
C ASN B 170 22.44 9.66 6.47
N ILE B 171 21.44 8.79 6.38
CA ILE B 171 20.07 9.22 6.20
C ILE B 171 19.46 9.13 7.60
N THR B 172 19.28 10.28 8.26
CA THR B 172 18.81 10.33 9.65
C THR B 172 17.28 10.27 9.80
N GLU B 173 16.77 10.29 11.05
CA GLU B 173 15.34 10.33 11.30
C GLU B 173 14.69 11.67 10.85
N TYR B 174 15.51 12.70 10.54
CA TYR B 174 15.04 14.03 10.09
C TYR B 174 14.98 14.16 8.55
N MET B 175 15.19 13.04 7.86
CA MET B 175 15.23 12.89 6.42
C MET B 175 14.35 11.74 5.96
N PHE B 176 13.98 11.75 4.68
CA PHE B 176 13.24 10.62 4.08
C PHE B 176 13.66 10.49 2.62
N CYS B 177 13.55 9.27 2.07
CA CYS B 177 13.94 9.01 0.68
C CYS B 177 12.72 9.08 -0.24
N ALA B 178 12.93 9.58 -1.45
CA ALA B 178 11.87 9.56 -2.46
C ALA B 178 12.49 9.63 -3.86
N GLY B 179 11.94 8.88 -4.80
CA GLY B 179 12.45 8.89 -6.16
C GLY B 179 12.82 7.57 -6.77
N TYR B 180 13.88 7.59 -7.56
CA TYR B 180 14.35 6.46 -8.36
C TYR B 180 15.86 6.31 -8.25
N SER B 181 16.35 5.04 -8.37
CA SER B 181 17.80 4.79 -8.32
C SER B 181 18.39 4.50 -9.71
N ASP B 182 17.55 4.54 -10.78
CA ASP B 182 17.92 4.31 -12.17
C ASP B 182 18.41 5.56 -12.93
N GLY B 183 18.72 6.64 -12.22
CA GLY B 183 19.22 7.87 -12.79
C GLY B 183 18.33 8.68 -13.72
N SER B 184 17.00 8.43 -13.73
CA SER B 184 16.11 9.13 -14.66
C SER B 184 15.33 10.33 -14.10
N LYS B 185 15.01 10.34 -12.80
CA LYS B 185 14.15 11.35 -12.21
C LYS B 185 14.59 11.78 -10.80
N ASP B 186 14.82 13.08 -10.60
CA ASP B 186 15.21 13.61 -9.30
C ASP B 186 15.07 15.16 -9.27
N SER B 187 15.20 15.77 -8.10
CA SER B 187 15.25 17.21 -7.93
C SER B 187 16.76 17.57 -7.89
N CYS B 188 17.13 18.70 -8.47
CA CYS B 188 18.53 19.09 -8.59
C CYS B 188 18.88 20.41 -7.91
N LYS B 189 20.14 20.87 -8.06
CA LYS B 189 20.60 22.13 -7.51
C LYS B 189 19.76 23.26 -8.10
N GLY B 190 19.31 24.16 -7.23
CA GLY B 190 18.41 25.21 -7.66
C GLY B 190 16.99 24.87 -7.25
N ASP B 191 16.66 23.55 -7.15
CA ASP B 191 15.35 23.12 -6.63
C ASP B 191 15.34 23.08 -5.10
N SER B 192 16.52 23.19 -4.43
CA SER B 192 16.63 23.16 -2.96
C SER B 192 15.67 24.13 -2.32
N GLY B 193 15.03 23.71 -1.25
CA GLY B 193 14.07 24.55 -0.56
C GLY B 193 12.65 24.40 -1.03
N GLY B 194 12.46 23.86 -2.23
CA GLY B 194 11.13 23.69 -2.81
C GLY B 194 10.30 22.63 -2.11
N PRO B 195 9.01 22.53 -2.46
CA PRO B 195 8.16 21.54 -1.80
C PRO B 195 8.20 20.16 -2.36
N HIS B 196 7.89 19.20 -1.50
CA HIS B 196 7.59 17.81 -1.72
C HIS B 196 6.17 17.80 -1.12
N ALA B 197 5.15 17.82 -1.99
CA ALA B 197 3.75 17.99 -1.60
C ALA B 197 2.97 16.72 -1.80
N THR B 198 2.13 16.37 -0.83
CA THR B 198 1.38 15.13 -0.81
C THR B 198 -0.13 15.40 -0.89
N HIS B 199 -0.80 14.74 -1.82
CA HIS B 199 -2.24 14.85 -2.01
C HIS B 199 -2.98 13.80 -1.16
N TYR B 200 -3.94 14.22 -0.33
CA TYR B 200 -4.72 13.26 0.47
C TYR B 200 -6.16 13.70 0.57
N ARG B 201 -7.12 12.88 0.08
CA ARG B 201 -8.56 13.17 0.18
C ARG B 201 -8.92 14.62 -0.15
N GLY B 202 -8.54 15.04 -1.35
CA GLY B 202 -8.83 16.36 -1.90
C GLY B 202 -7.97 17.53 -1.47
N THR B 203 -6.93 17.32 -0.62
CA THR B 203 -6.09 18.45 -0.16
C THR B 203 -4.60 18.13 -0.20
N TRP B 204 -3.73 19.14 -0.47
CA TRP B 204 -2.27 19.00 -0.55
C TRP B 204 -1.62 19.51 0.70
N TYR B 205 -0.58 18.83 1.14
CA TYR B 205 0.14 19.13 2.37
C TYR B 205 1.63 19.09 2.17
N LEU B 206 2.36 19.84 3.00
CA LEU B 206 3.80 19.85 2.95
C LEU B 206 4.38 18.66 3.73
N THR B 207 5.08 17.73 3.02
CA THR B 207 5.69 16.57 3.67
C THR B 207 7.21 16.62 3.70
N GLY B 208 7.81 17.23 2.68
CA GLY B 208 9.25 17.29 2.57
C GLY B 208 9.75 18.58 1.96
N ILE B 209 11.05 18.82 2.09
CA ILE B 209 11.70 19.98 1.52
C ILE B 209 12.87 19.46 0.69
N VAL B 210 13.05 19.95 -0.55
CA VAL B 210 14.18 19.58 -1.39
C VAL B 210 15.48 19.99 -0.70
N SER B 211 16.31 19.01 -0.36
CA SER B 211 17.55 19.28 0.35
C SER B 211 18.71 19.51 -0.66
N TRP B 212 19.98 19.15 -0.35
CA TRP B 212 21.09 19.37 -1.29
C TRP B 212 20.79 18.78 -2.66
N GLY B 213 21.05 19.53 -3.74
CA GLY B 213 20.74 19.07 -5.07
C GLY B 213 21.89 18.56 -5.92
N GLN B 214 23.12 19.08 -5.72
CA GLN B 214 24.32 18.67 -6.47
C GLN B 214 24.50 17.16 -6.44
N GLY B 215 24.71 16.55 -7.58
CA GLY B 215 24.85 15.10 -7.66
C GLY B 215 23.53 14.37 -7.91
N CYS B 216 22.46 15.12 -8.19
CA CYS B 216 21.13 14.60 -8.48
C CYS B 216 21.11 13.52 -9.56
N ALA B 217 20.14 12.62 -9.46
CA ALA B 217 19.89 11.50 -10.37
C ALA B 217 21.12 10.58 -10.60
N THR B 218 21.94 10.40 -9.57
CA THR B 218 23.07 9.47 -9.63
C THR B 218 22.51 8.05 -9.56
N VAL B 219 22.87 7.17 -10.51
CA VAL B 219 22.46 5.76 -10.51
C VAL B 219 22.98 5.09 -9.23
N GLY B 220 22.08 4.50 -8.48
CA GLY B 220 22.41 3.92 -7.18
C GLY B 220 21.96 4.77 -6.00
N HIS B 221 21.46 5.99 -6.25
CA HIS B 221 21.01 6.89 -5.19
C HIS B 221 19.54 7.34 -5.39
N PHE B 222 18.86 7.63 -4.29
CA PHE B 222 17.49 8.15 -4.32
C PHE B 222 17.54 9.64 -3.93
N GLY B 223 16.42 10.34 -4.03
CA GLY B 223 16.32 11.71 -3.56
C GLY B 223 16.17 11.69 -2.05
N VAL B 224 16.76 12.66 -1.34
CA VAL B 224 16.66 12.75 0.12
C VAL B 224 16.09 14.14 0.47
N TYR B 225 15.01 14.16 1.25
CA TYR B 225 14.20 15.30 1.62
C TYR B 225 14.18 15.48 3.12
N THR B 226 14.03 16.73 3.60
CA THR B 226 13.86 17.02 5.01
C THR B 226 12.48 16.53 5.39
N ARG B 227 12.39 15.76 6.48
CA ARG B 227 11.16 15.17 6.98
C ARG B 227 10.45 16.24 7.79
N VAL B 228 9.55 16.98 7.17
CA VAL B 228 8.86 18.11 7.77
C VAL B 228 8.06 17.76 9.03
N SER B 229 7.53 16.52 9.17
CA SER B 229 6.75 16.12 10.37
C SER B 229 7.55 16.24 11.70
N GLN B 230 8.86 16.17 11.64
CA GLN B 230 9.76 16.29 12.80
C GLN B 230 9.88 17.72 13.32
N TYR B 231 9.47 18.71 12.49
CA TYR B 231 9.64 20.11 12.79
C TYR B 231 8.36 20.87 12.97
N ILE B 232 7.19 20.21 12.94
CA ILE B 232 5.89 20.87 13.06
C ILE B 232 5.82 21.78 14.30
N GLU B 233 6.03 21.22 15.49
CA GLU B 233 6.00 21.91 16.77
C GLU B 233 6.98 23.09 16.79
N TRP B 234 8.18 22.90 16.24
CA TRP B 234 9.22 23.92 16.17
C TRP B 234 8.74 25.09 15.29
N LEU B 235 8.19 24.78 14.09
CA LEU B 235 7.71 25.80 13.16
C LEU B 235 6.53 26.56 13.73
N GLN B 236 5.63 25.87 14.45
CA GLN B 236 4.45 26.50 15.01
C GLN B 236 4.78 27.42 16.17
N LYS B 237 5.79 27.04 16.99
CA LYS B 237 6.24 27.88 18.09
C LYS B 237 6.84 29.19 17.53
N LEU B 238 7.82 29.07 16.61
CA LEU B 238 8.49 30.19 15.97
C LEU B 238 7.56 31.10 15.20
N MET B 239 6.47 30.55 14.67
CA MET B 239 5.48 31.36 13.96
C MET B 239 4.70 32.27 14.94
N ARG B 240 4.64 31.89 16.23
CA ARG B 240 4.00 32.62 17.34
C ARG B 240 4.94 33.62 18.03
N SER B 241 6.26 33.50 17.80
CA SER B 241 7.25 34.37 18.41
C SER B 241 7.37 35.72 17.68
N GLU B 242 7.86 36.77 18.37
CA GLU B 242 8.01 38.12 17.84
C GLU B 242 9.31 38.28 17.06
N PRO B 243 9.37 39.23 16.11
CA PRO B 243 10.61 39.40 15.32
C PRO B 243 11.84 39.91 16.10
N ARG B 244 13.03 39.51 15.64
CA ARG B 244 14.35 39.88 16.17
C ARG B 244 15.02 40.92 15.24
N PRO B 245 15.97 41.75 15.72
CA PRO B 245 16.55 42.79 14.86
C PRO B 245 17.28 42.28 13.62
N GLY B 246 18.07 41.23 13.79
CA GLY B 246 18.81 40.64 12.67
C GLY B 246 17.94 39.84 11.74
N VAL B 247 18.44 39.56 10.53
CA VAL B 247 17.70 38.75 9.59
C VAL B 247 17.81 37.28 10.02
N LEU B 248 19.03 36.73 10.11
CA LEU B 248 19.31 35.36 10.52
C LEU B 248 19.06 35.13 12.01
N LEU B 249 18.27 34.11 12.33
CA LEU B 249 18.04 33.72 13.72
C LEU B 249 18.27 32.22 13.84
N ARG B 250 19.29 31.80 14.63
CA ARG B 250 19.49 30.38 14.86
C ARG B 250 18.68 30.06 16.13
N ALA B 251 17.50 29.46 15.97
CA ALA B 251 16.61 29.13 17.08
C ALA B 251 16.87 27.71 17.63
N PRO B 252 16.69 27.46 18.94
CA PRO B 252 17.00 26.13 19.48
C PRO B 252 16.11 25.02 18.94
N PHE B 253 16.68 23.85 18.66
CA PHE B 253 15.89 22.70 18.22
C PHE B 253 16.29 21.48 19.08
N PRO B 254 15.31 20.76 19.68
CA PRO B 254 13.86 20.92 19.58
C PRO B 254 13.23 22.19 20.20
N ASN C 37 14.35 -3.40 22.02
CA ASN C 37 13.30 -4.06 22.82
C ASN C 37 12.40 -5.02 21.99
N THR C 38 12.45 -4.89 20.66
CA THR C 38 11.63 -5.71 19.75
C THR C 38 12.47 -6.54 18.77
N VAL C 39 11.85 -7.53 18.13
CA VAL C 39 12.51 -8.35 17.12
C VAL C 39 11.77 -8.19 15.77
N ALA C 40 12.51 -8.21 14.66
CA ALA C 40 11.86 -8.09 13.35
C ALA C 40 11.26 -9.45 13.00
N ALA C 41 10.02 -9.46 12.47
CA ALA C 41 9.40 -10.72 12.05
C ALA C 41 10.20 -11.36 10.90
N TYR C 42 10.14 -12.68 10.79
CA TYR C 42 10.88 -13.42 9.78
C TYR C 42 10.05 -14.58 9.19
N ASN C 43 10.54 -15.20 8.09
CA ASN C 43 9.85 -16.30 7.42
C ASN C 43 8.43 -15.91 7.00
N LEU C 44 8.28 -14.73 6.38
CA LEU C 44 6.98 -14.26 5.89
C LEU C 44 6.57 -15.17 4.72
N THR C 45 5.35 -15.74 4.82
CA THR C 45 4.83 -16.75 3.91
C THR C 45 3.39 -16.50 3.56
N TRP C 46 3.01 -16.68 2.29
CA TRP C 46 1.62 -16.53 1.84
C TRP C 46 0.92 -17.90 1.84
N LYS C 47 -0.28 -17.99 2.46
CA LYS C 47 -1.03 -19.24 2.48
C LYS C 47 -2.31 -18.92 1.77
N SER C 48 -2.50 -19.44 0.55
CA SER C 48 -3.65 -19.04 -0.23
C SER C 48 -4.31 -20.15 -0.96
N THR C 49 -5.65 -20.23 -0.88
CA THR C 49 -6.43 -21.25 -1.57
C THR C 49 -7.77 -20.62 -1.89
N ASN C 50 -8.17 -20.67 -3.19
CA ASN C 50 -9.41 -20.08 -3.71
C ASN C 50 -9.55 -18.59 -3.33
N PHE C 51 -8.41 -17.91 -3.25
CA PHE C 51 -8.26 -16.49 -2.93
C PHE C 51 -8.41 -16.19 -1.44
N LYS C 52 -8.59 -17.21 -0.55
CA LYS C 52 -8.59 -16.96 0.89
C LYS C 52 -7.12 -16.88 1.19
N THR C 53 -6.63 -15.67 1.46
CA THR C 53 -5.19 -15.42 1.54
C THR C 53 -4.77 -14.95 2.90
N ILE C 54 -3.79 -15.63 3.49
CA ILE C 54 -3.32 -15.28 4.83
C ILE C 54 -1.81 -15.17 4.84
N LEU C 55 -1.29 -14.07 5.37
CA LEU C 55 0.15 -13.91 5.52
C LEU C 55 0.50 -14.51 6.90
N GLU C 56 1.56 -15.31 6.97
CA GLU C 56 2.00 -15.92 8.20
C GLU C 56 3.45 -15.56 8.44
N TRP C 57 3.85 -15.45 9.71
CA TRP C 57 5.23 -15.12 10.03
C TRP C 57 5.65 -15.64 11.43
N GLU C 58 6.97 -15.72 11.65
CA GLU C 58 7.54 -16.04 12.95
C GLU C 58 8.11 -14.73 13.57
N PRO C 59 8.23 -14.58 14.90
CA PRO C 59 7.96 -15.56 15.97
C PRO C 59 6.77 -15.12 16.83
N LYS C 60 6.40 -15.93 17.84
CA LYS C 60 5.33 -15.52 18.78
C LYS C 60 5.79 -14.25 19.53
N PRO C 61 4.90 -13.27 19.75
CA PRO C 61 5.33 -12.02 20.38
C PRO C 61 5.38 -12.02 21.91
N VAL C 62 6.50 -11.48 22.45
CA VAL C 62 6.70 -11.33 23.89
C VAL C 62 6.97 -9.86 24.15
N ASN C 63 5.98 -9.17 24.74
CA ASN C 63 6.03 -7.73 25.01
C ASN C 63 6.11 -6.89 23.71
N GLN C 64 5.54 -7.43 22.61
CA GLN C 64 5.47 -6.78 21.31
C GLN C 64 4.21 -7.16 20.52
N VAL C 65 3.66 -6.17 19.83
CA VAL C 65 2.48 -6.34 19.01
C VAL C 65 2.90 -6.17 17.53
N TYR C 66 2.00 -6.49 16.60
CA TYR C 66 2.30 -6.42 15.17
C TYR C 66 1.28 -5.61 14.41
N THR C 67 1.71 -5.00 13.31
CA THR C 67 0.81 -4.35 12.36
C THR C 67 1.24 -4.74 10.97
N VAL C 68 0.30 -5.11 10.09
CA VAL C 68 0.68 -5.46 8.72
C VAL C 68 0.27 -4.33 7.76
N GLN C 69 1.09 -4.04 6.75
CA GLN C 69 0.66 -3.16 5.65
C GLN C 69 0.66 -3.95 4.33
N ILE C 70 -0.19 -3.58 3.39
CA ILE C 70 -0.19 -4.20 2.07
C ILE C 70 -0.25 -3.13 0.97
N SER C 71 0.41 -3.38 -0.18
CA SER C 71 0.31 -2.47 -1.31
C SER C 71 0.48 -3.15 -2.67
N THR C 72 0.11 -2.45 -3.76
CA THR C 72 0.49 -2.84 -5.12
C THR C 72 1.78 -1.97 -5.36
N LYS C 73 2.67 -2.31 -6.33
CA LYS C 73 3.91 -1.54 -6.50
C LYS C 73 3.73 -0.02 -6.74
N SER C 74 2.52 0.47 -7.04
CA SER C 74 2.33 1.92 -7.20
C SER C 74 1.17 2.52 -6.35
N GLY C 75 0.45 1.66 -5.64
CA GLY C 75 -0.63 2.12 -4.77
C GLY C 75 -0.12 2.54 -3.42
N ASP C 76 -1.01 3.08 -2.58
CA ASP C 76 -0.64 3.48 -1.22
C ASP C 76 -0.62 2.26 -0.29
N TRP C 77 0.02 2.36 0.89
CA TRP C 77 0.05 1.24 1.84
C TRP C 77 -1.22 1.20 2.65
N LYS C 78 -1.84 0.03 2.81
CA LYS C 78 -3.07 -0.09 3.62
C LYS C 78 -2.73 -0.91 4.86
N SER C 79 -3.09 -0.41 6.05
CA SER C 79 -2.82 -1.10 7.31
C SER C 79 -3.89 -2.17 7.65
N LYS C 80 -3.45 -3.34 8.14
CA LYS C 80 -4.31 -4.46 8.52
C LYS C 80 -3.86 -5.07 9.82
N CYS C 81 -4.76 -5.76 10.52
CA CYS C 81 -4.44 -6.53 11.74
C CYS C 81 -3.65 -5.68 12.77
N PHE C 82 -4.24 -4.54 13.14
CA PHE C 82 -3.71 -3.49 14.01
C PHE C 82 -3.36 -3.95 15.40
N TYR C 83 -2.08 -3.91 15.73
CA TYR C 83 -1.60 -4.22 17.07
C TYR C 83 -2.02 -5.62 17.52
N THR C 84 -1.94 -6.55 16.59
CA THR C 84 -2.29 -7.93 16.81
C THR C 84 -1.21 -8.64 17.57
N THR C 85 -1.62 -9.68 18.29
CA THR C 85 -0.69 -10.55 18.99
C THR C 85 -0.56 -11.91 18.21
N ASP C 86 -1.32 -12.09 17.11
CA ASP C 86 -1.26 -13.28 16.26
C ASP C 86 -0.05 -13.19 15.36
N THR C 87 0.39 -14.33 14.84
CA THR C 87 1.47 -14.37 13.87
C THR C 87 0.93 -14.68 12.45
N GLU C 88 -0.29 -14.23 12.20
CA GLU C 88 -0.95 -14.34 10.93
C GLU C 88 -1.86 -13.14 10.72
N CYS C 89 -2.17 -12.85 9.44
CA CYS C 89 -3.06 -11.76 9.08
C CYS C 89 -3.82 -12.10 7.84
N ASP C 90 -5.15 -12.04 7.89
CA ASP C 90 -5.98 -12.33 6.74
C ASP C 90 -5.98 -11.11 5.82
N LEU C 91 -5.45 -11.27 4.60
CA LEU C 91 -5.40 -10.19 3.62
C LEU C 91 -6.33 -10.41 2.43
N THR C 92 -7.35 -11.29 2.60
CA THR C 92 -8.35 -11.62 1.58
C THR C 92 -9.10 -10.41 1.04
N ASP C 93 -9.60 -9.52 1.91
CA ASP C 93 -10.36 -8.38 1.43
C ASP C 93 -9.57 -7.42 0.56
N GLU C 94 -8.25 -7.34 0.77
CA GLU C 94 -7.39 -6.50 -0.04
C GLU C 94 -7.01 -7.14 -1.38
N ILE C 95 -6.63 -8.43 -1.39
CA ILE C 95 -6.18 -9.06 -2.63
C ILE C 95 -7.34 -9.38 -3.61
N VAL C 96 -8.59 -9.55 -3.09
CA VAL C 96 -9.71 -9.83 -3.98
C VAL C 96 -10.23 -8.58 -4.70
N LYS C 97 -9.72 -7.38 -4.37
CA LYS C 97 -10.13 -6.16 -5.06
C LYS C 97 -9.57 -6.19 -6.51
N ASP C 98 -8.39 -6.82 -6.73
CA ASP C 98 -7.84 -7.04 -8.05
C ASP C 98 -6.98 -8.27 -7.92
N VAL C 99 -7.50 -9.44 -8.34
CA VAL C 99 -6.74 -10.68 -8.19
C VAL C 99 -5.53 -10.77 -9.15
N LYS C 100 -5.50 -9.95 -10.22
CA LYS C 100 -4.38 -10.00 -11.17
C LYS C 100 -3.23 -9.05 -10.82
N GLN C 101 -3.42 -8.17 -9.83
CA GLN C 101 -2.37 -7.29 -9.34
C GLN C 101 -1.31 -8.06 -8.55
N THR C 102 -0.09 -7.49 -8.46
CA THR C 102 1.01 -8.06 -7.67
C THR C 102 1.10 -7.30 -6.39
N TYR C 103 1.04 -8.00 -5.25
CA TYR C 103 1.05 -7.34 -3.94
C TYR C 103 2.33 -7.55 -3.13
N LEU C 104 2.63 -6.58 -2.27
CA LEU C 104 3.75 -6.71 -1.35
C LEU C 104 3.21 -6.35 0.02
N ALA C 105 3.54 -7.16 1.00
CA ALA C 105 3.12 -6.92 2.36
C ALA C 105 4.36 -6.68 3.23
N ARG C 106 4.16 -6.05 4.38
CA ARG C 106 5.25 -5.82 5.33
C ARG C 106 4.70 -5.92 6.74
N VAL C 107 5.48 -6.49 7.66
CA VAL C 107 5.02 -6.70 9.04
C VAL C 107 5.82 -5.81 9.99
N PHE C 108 5.16 -4.94 10.74
CA PHE C 108 5.79 -4.04 11.72
C PHE C 108 5.77 -4.61 13.15
N SER C 109 6.87 -4.45 13.88
CA SER C 109 6.99 -4.91 15.27
C SER C 109 7.05 -3.70 16.20
N TYR C 110 5.99 -3.47 16.99
CA TYR C 110 5.94 -2.36 17.93
C TYR C 110 6.10 -2.90 19.37
N PRO C 111 6.74 -2.16 20.30
CA PRO C 111 6.81 -2.65 21.68
C PRO C 111 5.49 -2.41 22.43
N ALA C 112 5.04 -3.41 23.22
CA ALA C 112 3.78 -3.31 23.97
C ALA C 112 3.82 -2.20 25.03
N GLU C 123 11.97 5.08 12.76
CA GLU C 123 11.15 4.09 12.05
C GLU C 123 11.11 2.74 12.79
N PRO C 124 9.96 2.04 12.79
CA PRO C 124 9.89 0.76 13.51
C PRO C 124 10.61 -0.35 12.79
N LEU C 125 10.73 -1.49 13.46
CA LEU C 125 11.35 -2.66 12.87
C LEU C 125 10.29 -3.29 11.97
N TYR C 126 10.65 -3.62 10.75
CA TYR C 126 9.71 -4.25 9.83
C TYR C 126 10.43 -5.20 8.86
N GLU C 127 9.65 -6.10 8.24
CA GLU C 127 10.19 -7.04 7.27
C GLU C 127 9.25 -7.13 6.07
N ASN C 128 9.80 -7.17 4.86
CA ASN C 128 8.98 -7.30 3.66
C ASN C 128 8.71 -8.78 3.37
N SER C 129 7.51 -9.05 2.86
CA SER C 129 7.06 -10.36 2.44
C SER C 129 7.55 -10.61 1.01
N PRO C 130 7.50 -11.86 0.49
CA PRO C 130 7.74 -12.03 -0.95
C PRO C 130 6.57 -11.40 -1.73
N GLU C 131 6.76 -11.08 -3.00
CA GLU C 131 5.66 -10.55 -3.82
C GLU C 131 4.65 -11.67 -4.03
N PHE C 132 3.37 -11.32 -4.14
CA PHE C 132 2.34 -12.34 -4.35
C PHE C 132 1.34 -11.87 -5.39
N THR C 133 1.10 -12.64 -6.47
CA THR C 133 0.10 -12.34 -7.50
C THR C 133 -1.02 -13.40 -7.36
N PRO C 134 -2.18 -13.05 -6.79
CA PRO C 134 -3.20 -14.07 -6.50
C PRO C 134 -3.59 -15.00 -7.66
N TYR C 135 -3.96 -14.40 -8.81
CA TYR C 135 -4.38 -15.14 -9.99
C TYR C 135 -3.38 -16.24 -10.39
N LEU C 136 -2.08 -16.00 -10.17
CA LEU C 136 -1.04 -16.95 -10.55
C LEU C 136 -0.61 -17.90 -9.45
N GLU C 137 -0.84 -17.54 -8.17
CA GLU C 137 -0.29 -18.34 -7.08
C GLU C 137 -1.27 -18.99 -6.14
N THR C 138 -2.55 -18.55 -6.11
CA THR C 138 -3.52 -19.15 -5.19
C THR C 138 -3.68 -20.66 -5.50
N ASN C 139 -3.74 -21.49 -4.45
CA ASN C 139 -3.90 -22.92 -4.66
C ASN C 139 -5.32 -23.17 -5.13
N LEU C 140 -5.50 -24.15 -6.01
CA LEU C 140 -6.84 -24.50 -6.47
C LEU C 140 -7.42 -25.42 -5.44
N GLY C 141 -8.59 -25.10 -4.93
CA GLY C 141 -9.24 -25.87 -3.88
C GLY C 141 -9.66 -27.27 -4.32
N GLN C 142 -9.90 -28.15 -3.35
CA GLN C 142 -10.33 -29.52 -3.66
C GLN C 142 -11.74 -29.56 -4.28
N PRO C 143 -11.87 -30.12 -5.49
CA PRO C 143 -13.20 -30.21 -6.13
C PRO C 143 -14.10 -31.33 -5.57
N THR C 144 -15.40 -31.26 -5.89
CA THR C 144 -16.39 -32.22 -5.44
C THR C 144 -17.29 -32.63 -6.64
N ILE C 145 -17.48 -33.93 -6.83
CA ILE C 145 -18.36 -34.45 -7.87
C ILE C 145 -19.78 -34.16 -7.38
N GLN C 146 -20.56 -33.42 -8.17
CA GLN C 146 -21.90 -33.03 -7.79
C GLN C 146 -22.90 -34.14 -8.09
N SER C 147 -22.74 -34.80 -9.23
CA SER C 147 -23.62 -35.88 -9.64
C SER C 147 -23.07 -36.63 -10.86
N PHE C 148 -23.62 -37.81 -11.11
CA PHE C 148 -23.31 -38.56 -12.31
C PHE C 148 -24.61 -39.21 -12.81
N GLU C 149 -24.82 -39.21 -14.12
CA GLU C 149 -26.04 -39.78 -14.68
C GLU C 149 -25.72 -40.63 -15.88
N GLN C 150 -26.43 -41.75 -16.03
CA GLN C 150 -26.20 -42.64 -17.16
C GLN C 150 -27.31 -42.51 -18.19
N VAL C 151 -26.93 -42.60 -19.48
CA VAL C 151 -27.84 -42.58 -20.63
C VAL C 151 -27.47 -43.75 -21.55
N GLY C 152 -27.58 -44.95 -20.98
CA GLY C 152 -27.25 -46.17 -21.69
C GLY C 152 -25.76 -46.41 -21.73
N THR C 153 -25.14 -46.21 -22.89
CA THR C 153 -23.71 -46.42 -23.10
C THR C 153 -22.83 -45.17 -22.78
N LYS C 154 -23.45 -44.06 -22.31
CA LYS C 154 -22.77 -42.81 -22.00
C LYS C 154 -23.02 -42.36 -20.55
N VAL C 155 -22.04 -41.66 -19.96
CA VAL C 155 -22.19 -41.14 -18.59
C VAL C 155 -21.82 -39.65 -18.50
N ASN C 156 -22.71 -38.84 -17.92
CA ASN C 156 -22.42 -37.45 -17.67
C ASN C 156 -21.92 -37.32 -16.22
N VAL C 157 -20.73 -36.72 -16.03
CA VAL C 157 -20.16 -36.51 -14.71
C VAL C 157 -20.13 -35.00 -14.46
N THR C 158 -20.89 -34.49 -13.50
CA THR C 158 -20.93 -33.05 -13.20
C THR C 158 -20.09 -32.69 -11.98
N VAL C 159 -19.22 -31.69 -12.13
CA VAL C 159 -18.33 -31.16 -11.10
C VAL C 159 -19.02 -29.96 -10.48
N GLU C 160 -19.09 -29.91 -9.14
CA GLU C 160 -19.73 -28.82 -8.40
C GLU C 160 -18.98 -27.48 -8.63
N ASP C 161 -19.70 -26.33 -8.61
CA ASP C 161 -19.04 -25.03 -8.77
C ASP C 161 -18.21 -24.76 -7.54
N GLU C 162 -16.90 -24.52 -7.70
CA GLU C 162 -16.02 -24.26 -6.57
C GLU C 162 -16.13 -22.79 -6.19
N ARG C 163 -16.60 -22.47 -4.96
CA ARG C 163 -16.67 -21.08 -4.54
C ARG C 163 -15.29 -20.53 -4.15
N THR C 164 -15.03 -19.27 -4.53
CA THR C 164 -13.80 -18.55 -4.20
C THR C 164 -14.17 -17.43 -3.19
N LEU C 165 -13.16 -16.76 -2.61
CA LEU C 165 -13.41 -15.64 -1.72
C LEU C 165 -13.62 -14.32 -2.52
N VAL C 166 -13.66 -14.37 -3.89
CA VAL C 166 -13.88 -13.21 -4.75
C VAL C 166 -15.36 -12.91 -4.77
N ARG C 167 -15.76 -11.68 -4.49
CA ARG C 167 -17.17 -11.32 -4.47
C ARG C 167 -17.53 -10.40 -5.59
N ARG C 168 -18.76 -10.54 -6.05
CA ARG C 168 -19.31 -9.65 -7.03
C ARG C 168 -20.70 -9.39 -6.52
N ASN C 169 -20.84 -8.25 -5.82
CA ASN C 169 -22.08 -7.73 -5.26
C ASN C 169 -23.04 -8.77 -4.69
N ASN C 170 -22.88 -9.11 -3.39
CA ASN C 170 -23.71 -10.04 -2.62
C ASN C 170 -23.31 -11.51 -2.76
N THR C 171 -22.81 -11.95 -3.92
CA THR C 171 -22.48 -13.35 -4.12
C THR C 171 -20.98 -13.63 -4.26
N PHE C 172 -20.58 -14.89 -4.02
CA PHE C 172 -19.20 -15.35 -4.17
C PHE C 172 -19.05 -15.95 -5.56
N LEU C 173 -18.01 -15.54 -6.28
CA LEU C 173 -17.75 -16.06 -7.61
C LEU C 173 -17.13 -17.43 -7.54
N SER C 174 -17.42 -18.26 -8.54
CA SER C 174 -16.84 -19.59 -8.63
C SER C 174 -15.46 -19.54 -9.29
N LEU C 175 -14.73 -20.66 -9.26
CA LEU C 175 -13.40 -20.75 -9.87
C LEU C 175 -13.46 -20.50 -11.39
N ARG C 176 -14.57 -20.94 -12.04
CA ARG C 176 -14.80 -20.71 -13.46
C ARG C 176 -15.14 -19.27 -13.77
N ASP C 177 -15.81 -18.56 -12.86
CA ASP C 177 -16.14 -17.15 -13.09
C ASP C 177 -14.89 -16.26 -13.14
N VAL C 178 -13.90 -16.58 -12.31
CA VAL C 178 -12.65 -15.85 -12.21
C VAL C 178 -11.66 -16.27 -13.31
N PHE C 179 -11.42 -17.59 -13.49
CA PHE C 179 -10.42 -18.06 -14.45
C PHE C 179 -10.95 -18.21 -15.89
N GLY C 180 -12.24 -18.55 -16.02
CA GLY C 180 -12.86 -18.81 -17.31
C GLY C 180 -12.15 -19.90 -18.10
N LYS C 181 -11.67 -19.53 -19.28
CA LYS C 181 -10.92 -20.31 -20.27
C LYS C 181 -9.63 -20.89 -19.72
N ASP C 182 -9.01 -20.23 -18.71
CA ASP C 182 -7.78 -20.72 -18.08
C ASP C 182 -7.99 -21.97 -17.20
N LEU C 183 -9.22 -22.25 -16.80
CA LEU C 183 -9.56 -23.39 -15.93
C LEU C 183 -10.15 -24.59 -16.68
N ILE C 184 -9.58 -25.78 -16.45
CA ILE C 184 -10.14 -27.03 -16.95
C ILE C 184 -10.30 -27.99 -15.74
N TYR C 185 -11.15 -28.99 -15.91
CA TYR C 185 -11.30 -30.04 -14.93
C TYR C 185 -10.85 -31.33 -15.60
N THR C 186 -10.23 -32.21 -14.84
CA THR C 186 -9.75 -33.50 -15.34
C THR C 186 -10.45 -34.59 -14.57
N LEU C 187 -10.92 -35.62 -15.28
CA LEU C 187 -11.63 -36.75 -14.69
C LEU C 187 -10.79 -37.98 -14.82
N TYR C 188 -10.57 -38.68 -13.70
CA TYR C 188 -9.88 -39.96 -13.64
C TYR C 188 -10.95 -40.97 -13.38
N TYR C 189 -11.18 -41.88 -14.33
CA TYR C 189 -12.22 -42.89 -14.20
C TYR C 189 -11.72 -44.29 -14.52
N TRP C 190 -12.37 -45.29 -13.96
CA TRP C 190 -11.96 -46.68 -14.17
C TRP C 190 -13.04 -47.65 -13.80
N LYS C 191 -13.10 -48.77 -14.52
CA LYS C 191 -14.04 -49.85 -14.18
C LYS C 191 -13.30 -50.76 -13.19
N SER C 192 -14.01 -51.27 -12.21
CA SER C 192 -13.42 -52.09 -11.16
C SER C 192 -12.71 -53.37 -11.65
N SER C 193 -13.10 -53.91 -12.81
CA SER C 193 -12.49 -55.14 -13.33
C SER C 193 -11.24 -54.97 -14.22
N SER C 194 -10.92 -53.73 -14.61
CA SER C 194 -9.77 -53.43 -15.48
C SER C 194 -8.48 -53.13 -14.68
N SER C 195 -7.32 -53.06 -15.38
CA SER C 195 -6.02 -52.80 -14.77
C SER C 195 -5.67 -51.31 -14.65
N GLY C 196 -5.93 -50.53 -15.70
CA GLY C 196 -5.59 -49.11 -15.70
C GLY C 196 -6.72 -48.11 -15.64
N LYS C 197 -6.37 -46.84 -15.41
CA LYS C 197 -7.35 -45.77 -15.38
C LYS C 197 -7.40 -45.00 -16.71
N LYS C 198 -8.50 -44.29 -16.94
CA LYS C 198 -8.67 -43.46 -18.12
C LYS C 198 -8.84 -42.00 -17.69
N THR C 199 -8.65 -41.07 -18.61
CA THR C 199 -8.75 -39.65 -18.33
C THR C 199 -9.54 -38.91 -19.38
N ALA C 200 -10.42 -38.00 -18.93
CA ALA C 200 -11.23 -37.10 -19.74
C ALA C 200 -10.94 -35.67 -19.27
N LYS C 201 -11.01 -34.68 -20.17
CA LYS C 201 -10.78 -33.28 -19.81
C LYS C 201 -11.94 -32.40 -20.28
N THR C 202 -12.27 -31.34 -19.51
CA THR C 202 -13.37 -30.47 -19.92
C THR C 202 -13.08 -28.99 -19.73
N ASN C 203 -13.61 -28.16 -20.66
CA ASN C 203 -13.56 -26.68 -20.63
C ASN C 203 -14.75 -26.07 -19.83
N THR C 204 -15.68 -26.92 -19.35
CA THR C 204 -16.87 -26.59 -18.54
C THR C 204 -16.75 -27.37 -17.18
N ASN C 205 -17.86 -27.66 -16.49
CA ASN C 205 -17.84 -28.47 -15.27
C ASN C 205 -18.52 -29.84 -15.54
N GLU C 206 -18.59 -30.30 -16.80
CA GLU C 206 -19.22 -31.58 -17.11
C GLU C 206 -18.37 -32.42 -18.05
N PHE C 207 -18.46 -33.72 -17.86
CA PHE C 207 -17.77 -34.68 -18.70
C PHE C 207 -18.83 -35.60 -19.28
N LEU C 208 -18.68 -36.02 -20.52
CA LEU C 208 -19.62 -36.96 -21.13
C LEU C 208 -18.77 -38.05 -21.73
N ILE C 209 -18.67 -39.20 -21.03
CA ILE C 209 -17.80 -40.30 -21.41
C ILE C 209 -18.53 -41.57 -21.89
N ASP C 210 -17.80 -42.45 -22.61
CA ASP C 210 -18.31 -43.73 -23.07
C ASP C 210 -17.97 -44.78 -22.04
N VAL C 211 -18.92 -45.60 -21.66
CA VAL C 211 -18.67 -46.66 -20.70
C VAL C 211 -19.03 -48.06 -21.29
N ASP C 212 -18.61 -49.12 -20.60
CA ASP C 212 -18.93 -50.48 -21.01
C ASP C 212 -20.21 -50.91 -20.31
N LYS C 213 -21.07 -51.67 -21.02
CA LYS C 213 -22.37 -52.14 -20.51
C LYS C 213 -22.25 -53.05 -19.29
N GLY C 214 -23.07 -52.78 -18.27
CA GLY C 214 -23.10 -53.57 -17.03
C GLY C 214 -21.81 -53.61 -16.24
N GLU C 215 -21.18 -52.46 -16.00
CA GLU C 215 -19.94 -52.40 -15.24
C GLU C 215 -19.94 -51.20 -14.31
N ASN C 216 -19.39 -51.36 -13.10
CA ASN C 216 -19.33 -50.26 -12.15
C ASN C 216 -17.99 -49.51 -12.26
N TYR C 217 -18.11 -48.19 -12.46
CA TYR C 217 -16.99 -47.27 -12.63
C TYR C 217 -16.81 -46.37 -11.41
N CYS C 218 -15.56 -45.99 -11.13
CA CYS C 218 -15.20 -45.08 -10.03
C CYS C 218 -14.58 -43.81 -10.64
N PHE C 219 -14.92 -42.64 -10.09
CA PHE C 219 -14.48 -41.33 -10.57
C PHE C 219 -13.81 -40.45 -9.51
N SER C 220 -12.95 -39.57 -9.96
CA SER C 220 -12.28 -38.57 -9.15
C SER C 220 -11.93 -37.41 -10.08
N VAL C 221 -12.10 -36.16 -9.60
CA VAL C 221 -11.82 -35.00 -10.45
C VAL C 221 -10.71 -34.11 -9.87
N GLN C 222 -10.02 -33.38 -10.73
CA GLN C 222 -8.94 -32.49 -10.33
C GLN C 222 -9.10 -31.15 -11.07
N ALA C 223 -8.97 -30.01 -10.38
CA ALA C 223 -9.02 -28.70 -11.06
C ALA C 223 -7.60 -28.40 -11.58
N VAL C 224 -7.46 -27.92 -12.83
CA VAL C 224 -6.17 -27.62 -13.41
C VAL C 224 -6.18 -26.23 -14.11
N ILE C 225 -5.06 -25.50 -14.03
CA ILE C 225 -4.85 -24.24 -14.77
C ILE C 225 -3.65 -24.62 -15.61
N PRO C 226 -3.86 -25.15 -16.83
CA PRO C 226 -2.73 -25.62 -17.64
C PRO C 226 -1.64 -24.59 -17.95
N SER C 227 -1.96 -23.28 -18.00
CA SER C 227 -0.95 -22.26 -18.29
C SER C 227 0.08 -22.04 -17.18
N ARG C 228 -0.04 -22.74 -16.05
CA ARG C 228 0.91 -22.58 -14.95
C ARG C 228 2.00 -23.64 -15.06
N THR C 229 3.20 -23.33 -14.55
CA THR C 229 4.31 -24.29 -14.47
C THR C 229 4.39 -24.82 -13.02
N VAL C 230 4.10 -23.95 -12.05
CA VAL C 230 4.10 -24.26 -10.63
C VAL C 230 2.67 -24.20 -10.09
N ASN C 231 2.30 -25.16 -9.21
CA ASN C 231 1.02 -25.18 -8.53
C ASN C 231 -0.15 -25.20 -9.53
N ARG C 232 -0.05 -26.04 -10.58
CA ARG C 232 -1.07 -26.00 -11.63
C ARG C 232 -2.30 -26.86 -11.35
N LYS C 233 -2.28 -27.72 -10.33
CA LYS C 233 -3.42 -28.58 -10.02
C LYS C 233 -3.92 -28.53 -8.57
N SER C 234 -5.20 -28.80 -8.36
CA SER C 234 -5.76 -28.94 -7.03
C SER C 234 -5.47 -30.38 -6.52
N THR C 235 -5.86 -30.69 -5.26
CA THR C 235 -5.81 -32.09 -4.82
C THR C 235 -7.03 -32.77 -5.52
N ASP C 236 -7.00 -34.11 -5.59
CA ASP C 236 -8.08 -34.83 -6.21
C ASP C 236 -9.29 -34.79 -5.31
N SER C 237 -10.46 -34.78 -5.90
CA SER C 237 -11.73 -34.84 -5.20
C SER C 237 -11.89 -36.24 -4.54
N PRO C 238 -12.80 -36.40 -3.58
CA PRO C 238 -13.06 -37.75 -3.04
C PRO C 238 -13.58 -38.68 -4.14
N VAL C 239 -13.22 -39.97 -4.07
CA VAL C 239 -13.65 -40.93 -5.07
C VAL C 239 -15.15 -41.22 -4.96
N GLU C 240 -15.83 -41.30 -6.12
CA GLU C 240 -17.26 -41.58 -6.21
C GLU C 240 -17.47 -42.74 -7.17
N CYS C 241 -18.20 -43.76 -6.74
CA CYS C 241 -18.48 -44.92 -7.60
C CYS C 241 -19.97 -45.12 -7.76
N MET C 242 -20.37 -45.76 -8.87
CA MET C 242 -21.79 -46.07 -9.07
C MET C 242 -22.17 -47.34 -8.27
#